data_5POB
#
_entry.id   5POB
#
_cell.length_a   55.745
_cell.length_b   56.478
_cell.length_c   101.452
_cell.angle_alpha   90.000
_cell.angle_beta   90.000
_cell.angle_gamma   90.000
#
_symmetry.space_group_name_H-M   'P 21 21 21'
#
loop_
_entity.id
_entity.type
_entity.pdbx_description
1 polymer 'Bromodomain-containing protein 1'
2 non-polymer 5-amino-1,3-dimethyl-1,3-dihydro-2H-benzimidazol-2-one
3 non-polymer 'SODIUM ION'
4 non-polymer 1,2-ETHANEDIOL
5 water water
#
_entity_poly.entity_id   1
_entity_poly.type   'polypeptide(L)'
_entity_poly.pdbx_seq_one_letter_code
;MHHHHHHSSGVDLGTENLYFQSMEQVAMELRLTELTRLLRSVLDQLQDKDPARIFAQPVSLKEVPDYLDHIKHPMDFATM
RKRLEAQGYKNLHEFEEDFDLIIDNCMKYNARDTVFYRAAVRLRDQGGVVLRQARREVDSIGLEEASGMHLPERPA
;
_entity_poly.pdbx_strand_id   A,B
#
# COMPACT_ATOMS: atom_id res chain seq x y z
N SER A 22 -13.05 7.52 34.25
CA SER A 22 -13.97 6.40 34.40
C SER A 22 -13.23 5.07 34.42
N MET A 23 -13.86 4.04 34.97
CA MET A 23 -13.30 2.70 34.97
CA MET A 23 -13.27 2.70 34.98
C MET A 23 -13.14 2.18 33.55
N GLU A 24 -14.11 2.49 32.69
CA GLU A 24 -14.07 2.04 31.31
C GLU A 24 -12.82 2.55 30.59
N GLN A 25 -12.51 3.82 30.75
CA GLN A 25 -11.32 4.39 30.10
C GLN A 25 -10.06 3.71 30.61
N VAL A 26 -9.98 3.47 31.91
CA VAL A 26 -8.85 2.75 32.48
C VAL A 26 -8.73 1.33 31.91
N ALA A 27 -9.87 0.65 31.75
CA ALA A 27 -9.88 -0.69 31.21
C ALA A 27 -9.39 -0.70 29.77
N MET A 28 -9.77 0.32 29.00
CA MET A 28 -9.32 0.44 27.60
C MET A 28 -7.83 0.75 27.53
N GLU A 29 -7.36 1.56 28.47
CA GLU A 29 -5.95 1.89 28.53
C GLU A 29 -5.12 0.67 28.94
N LEU A 30 -5.66 -0.18 29.79
CA LEU A 30 -4.97 -1.43 30.14
C LEU A 30 -4.87 -2.36 28.92
N ARG A 31 -5.93 -2.40 28.13
CA ARG A 31 -5.94 -3.18 26.88
C ARG A 31 -4.85 -2.68 25.94
N LEU A 32 -4.78 -1.38 25.74
CA LEU A 32 -3.79 -0.76 24.86
C LEU A 32 -2.37 -1.04 25.35
N THR A 33 -2.17 -1.01 26.66
CA THR A 33 -0.87 -1.29 27.26
C THR A 33 -0.45 -2.74 27.03
N GLU A 34 -1.41 -3.66 27.14
CA GLU A 34 -1.06 -5.05 26.91
C GLU A 34 -0.87 -5.33 25.42
N LEU A 35 -1.60 -4.61 24.57
CA LEU A 35 -1.35 -4.70 23.13
C LEU A 35 0.08 -4.25 22.83
N THR A 36 0.46 -3.13 23.42
CA THR A 36 1.80 -2.57 23.27
C THR A 36 2.87 -3.56 23.74
N ARG A 37 2.60 -4.27 24.83
CA ARG A 37 3.53 -5.27 25.31
C ARG A 37 3.72 -6.39 24.28
N LEU A 38 2.61 -6.87 23.72
CA LEU A 38 2.65 -7.93 22.71
C LEU A 38 3.35 -7.45 21.44
N LEU A 39 3.08 -6.22 21.03
CA LEU A 39 3.69 -5.68 19.80
C LEU A 39 5.17 -5.43 20.00
N ARG A 40 5.58 -5.10 21.23
CA ARG A 40 7.00 -4.93 21.52
C ARG A 40 7.74 -6.25 21.32
N SER A 41 7.11 -7.35 21.71
CA SER A 41 7.69 -8.66 21.52
C SER A 41 7.76 -9.02 20.04
N VAL A 42 6.69 -8.73 19.30
CA VAL A 42 6.68 -8.95 17.86
C VAL A 42 7.79 -8.16 17.18
N LEU A 43 7.92 -6.88 17.54
CA LEU A 43 8.93 -6.02 16.94
C LEU A 43 10.32 -6.57 17.21
N ASP A 44 10.55 -7.04 18.43
CA ASP A 44 11.84 -7.62 18.78
C ASP A 44 12.10 -8.89 17.95
N GLN A 45 11.08 -9.70 17.76
CA GLN A 45 11.22 -10.92 16.95
C GLN A 45 11.45 -10.64 15.48
N LEU A 46 10.80 -9.58 14.97
CA LEU A 46 10.94 -9.20 13.57
C LEU A 46 12.34 -8.67 13.31
N GLN A 47 12.84 -7.89 14.26
CA GLN A 47 14.13 -7.25 14.09
C GLN A 47 15.26 -8.28 14.21
N ASP A 48 15.03 -9.35 14.98
CA ASP A 48 16.01 -10.43 15.07
C ASP A 48 16.23 -11.08 13.71
N LYS A 49 15.25 -10.96 12.83
CA LYS A 49 15.34 -11.51 11.49
C LYS A 49 16.08 -10.58 10.53
N ASP A 50 16.63 -9.50 11.08
CA ASP A 50 17.44 -8.52 10.31
C ASP A 50 18.77 -8.31 11.01
N PRO A 51 19.61 -9.37 11.10
CA PRO A 51 20.87 -9.23 11.84
C PRO A 51 21.84 -8.28 11.15
N ALA A 52 21.68 -8.11 9.84
CA ALA A 52 22.47 -7.14 9.09
C ALA A 52 22.13 -5.70 9.49
N ARG A 53 20.96 -5.53 10.11
CA ARG A 53 20.46 -4.23 10.54
C ARG A 53 20.27 -3.25 9.37
N ILE A 54 19.88 -3.82 8.24
CA ILE A 54 19.57 -3.04 7.06
C ILE A 54 18.35 -2.13 7.29
N PHE A 55 17.43 -2.57 8.15
CA PHE A 55 16.17 -1.85 8.36
C PHE A 55 16.04 -1.20 9.74
N ALA A 56 17.15 -1.16 10.48
CA ALA A 56 17.19 -0.62 11.83
C ALA A 56 16.90 0.88 11.94
N GLN A 57 17.31 1.66 10.95
CA GLN A 57 17.22 3.12 11.01
C GLN A 57 16.66 3.71 9.71
N PRO A 58 16.13 4.95 9.76
CA PRO A 58 15.71 5.58 8.51
C PRO A 58 16.81 5.58 7.46
N VAL A 59 16.44 5.32 6.21
CA VAL A 59 17.38 5.52 5.11
C VAL A 59 17.88 6.95 5.13
N SER A 60 19.20 7.12 5.19
CA SER A 60 19.83 8.44 5.30
C SER A 60 19.60 9.33 4.08
N LEU A 61 19.01 10.50 4.28
CA LEU A 61 18.76 11.41 3.16
C LEU A 61 20.05 12.12 2.77
N LYS A 62 21.07 12.03 3.62
CA LYS A 62 22.40 12.52 3.26
C LYS A 62 23.10 11.54 2.32
N GLU A 63 22.97 10.24 2.60
CA GLU A 63 23.59 9.22 1.77
C GLU A 63 22.75 8.84 0.54
N VAL A 64 21.45 9.09 0.61
CA VAL A 64 20.56 8.83 -0.52
C VAL A 64 19.67 10.06 -0.74
N PRO A 65 20.24 11.12 -1.33
CA PRO A 65 19.56 12.42 -1.41
C PRO A 65 18.25 12.40 -2.21
N ASP A 66 18.08 11.46 -3.13
CA ASP A 66 16.87 11.44 -3.95
C ASP A 66 15.80 10.51 -3.40
N TYR A 67 16.03 9.94 -2.21
CA TYR A 67 15.17 8.87 -1.68
C TYR A 67 13.69 9.27 -1.64
N LEU A 68 13.41 10.47 -1.15
CA LEU A 68 12.02 10.91 -1.04
C LEU A 68 11.36 11.23 -2.37
N ASP A 69 12.13 11.37 -3.46
CA ASP A 69 11.51 11.46 -4.79
C ASP A 69 10.89 10.12 -5.16
N HIS A 70 11.42 9.05 -4.57
CA HIS A 70 10.99 7.71 -4.91
C HIS A 70 9.98 7.13 -3.93
N ILE A 71 10.25 7.34 -2.66
CA ILE A 71 9.49 6.72 -1.59
C ILE A 71 8.72 7.78 -0.82
N LYS A 72 7.40 7.69 -0.85
CA LYS A 72 6.56 8.73 -0.26
C LYS A 72 6.34 8.56 1.24
N HIS A 73 6.44 7.32 1.73
CA HIS A 73 6.27 7.07 3.16
C HIS A 73 7.35 6.15 3.72
N PRO A 74 8.53 6.72 4.01
CA PRO A 74 9.65 5.94 4.56
C PRO A 74 9.30 5.30 5.90
N MET A 75 9.92 4.17 6.19
CA MET A 75 9.71 3.50 7.46
C MET A 75 10.93 2.65 7.80
N ASP A 76 11.09 2.37 9.08
CA ASP A 76 12.24 1.62 9.58
C ASP A 76 11.89 1.15 11.00
N PHE A 77 12.67 0.23 11.55
CA PHE A 77 12.37 -0.31 12.88
C PHE A 77 12.45 0.71 14.02
N ALA A 78 13.39 1.67 13.92
CA ALA A 78 13.53 2.68 14.97
C ALA A 78 12.31 3.58 15.03
N THR A 79 11.83 3.98 13.87
CA THR A 79 10.64 4.81 13.78
C THR A 79 9.41 4.06 14.32
N MET A 80 9.29 2.77 13.99
CA MET A 80 8.22 1.94 14.53
C MET A 80 8.29 1.87 16.06
N ARG A 81 9.50 1.69 16.59
CA ARG A 81 9.67 1.53 18.02
C ARG A 81 9.30 2.82 18.76
N LYS A 82 9.55 3.97 18.15
CA LYS A 82 9.15 5.25 18.73
C LYS A 82 7.64 5.33 18.84
N ARG A 83 6.95 4.98 17.74
CA ARG A 83 5.49 5.01 17.74
C ARG A 83 4.95 4.01 18.77
N LEU A 84 5.56 2.84 18.83
CA LEU A 84 5.15 1.79 19.75
C LEU A 84 5.16 2.24 21.20
N GLU A 85 6.21 2.92 21.60
CA GLU A 85 6.36 3.29 23.01
C GLU A 85 5.48 4.46 23.38
N ALA A 86 5.02 5.20 22.37
CA ALA A 86 4.01 6.23 22.59
C ALA A 86 2.62 5.61 22.56
N GLN A 87 2.56 4.28 22.57
CA GLN A 87 1.31 3.52 22.43
C GLN A 87 0.51 3.98 21.22
N GLY A 88 1.22 4.18 20.11
CA GLY A 88 0.62 4.73 18.91
C GLY A 88 0.07 3.70 17.92
N TYR A 89 0.18 2.42 18.25
CA TYR A 89 -0.48 1.39 17.45
C TYR A 89 -1.77 0.93 18.15
N LYS A 90 -2.91 1.26 17.56
CA LYS A 90 -4.21 0.96 18.18
C LYS A 90 -4.61 -0.51 18.01
N ASN A 91 -4.07 -1.14 16.97
CA ASN A 91 -4.39 -2.52 16.64
C ASN A 91 -3.24 -3.14 15.84
N LEU A 92 -3.26 -4.45 15.61
CA LEU A 92 -2.18 -5.10 14.89
C LEU A 92 -2.12 -4.68 13.43
N HIS A 93 -3.26 -4.38 12.83
CA HIS A 93 -3.28 -3.95 11.43
C HIS A 93 -2.39 -2.70 11.23
N GLU A 94 -2.49 -1.74 12.13
CA GLU A 94 -1.67 -0.52 12.02
C GLU A 94 -0.18 -0.84 12.08
N PHE A 95 0.20 -1.76 12.97
CA PHE A 95 1.58 -2.19 13.14
C PHE A 95 2.05 -2.91 11.88
N GLU A 96 1.21 -3.79 11.35
CA GLU A 96 1.54 -4.53 10.14
C GLU A 96 1.72 -3.62 8.92
N GLU A 97 0.90 -2.57 8.84
N GLU A 97 0.94 -2.56 8.83
CA GLU A 97 1.02 -1.61 7.76
CA GLU A 97 1.05 -1.66 7.68
C GLU A 97 2.42 -1.02 7.72
C GLU A 97 2.35 -0.86 7.71
N ASP A 98 2.94 -0.67 8.89
CA ASP A 98 4.26 -0.05 8.99
C ASP A 98 5.35 -1.08 8.65
N PHE A 99 5.18 -2.31 9.10
CA PHE A 99 6.15 -3.36 8.76
C PHE A 99 6.16 -3.57 7.25
N ASP A 100 4.97 -3.60 6.64
CA ASP A 100 4.89 -3.75 5.19
C ASP A 100 5.58 -2.61 4.43
N LEU A 101 5.49 -1.40 4.98
CA LEU A 101 6.17 -0.25 4.35
C LEU A 101 7.67 -0.46 4.28
N ILE A 102 8.24 -0.97 5.37
CA ILE A 102 9.67 -1.23 5.40
C ILE A 102 10.09 -2.12 4.23
N ILE A 103 9.37 -3.22 4.08
CA ILE A 103 9.63 -4.20 3.04
CA ILE A 103 9.64 -4.20 3.03
C ILE A 103 9.33 -3.65 1.65
N ASP A 104 8.14 -3.08 1.50
CA ASP A 104 7.68 -2.65 0.18
C ASP A 104 8.49 -1.50 -0.37
N ASN A 105 8.84 -0.54 0.49
CA ASN A 105 9.71 0.56 0.06
C ASN A 105 11.02 0.03 -0.48
N CYS A 106 11.59 -0.92 0.24
CA CYS A 106 12.89 -1.48 -0.12
C CYS A 106 12.84 -2.23 -1.45
N MET A 107 11.75 -2.95 -1.70
CA MET A 107 11.65 -3.75 -2.93
C MET A 107 11.32 -2.86 -4.14
N LYS A 108 10.95 -1.61 -3.90
CA LYS A 108 10.75 -0.70 -5.02
CA LYS A 108 10.74 -0.62 -4.97
C LYS A 108 12.04 0.08 -5.33
N TYR A 109 12.68 0.63 -4.29
CA TYR A 109 13.85 1.47 -4.49
C TYR A 109 15.03 0.67 -5.01
N ASN A 110 15.18 -0.55 -4.49
CA ASN A 110 16.32 -1.38 -4.87
C ASN A 110 15.95 -2.47 -5.86
N ALA A 111 16.85 -2.72 -6.80
CA ALA A 111 16.63 -3.73 -7.81
C ALA A 111 16.65 -5.15 -7.25
N ARG A 112 16.01 -6.05 -7.98
CA ARG A 112 15.90 -7.45 -7.58
C ARG A 112 17.22 -8.13 -7.22
N ASP A 113 18.32 -7.75 -7.88
CA ASP A 113 19.59 -8.44 -7.69
C ASP A 113 20.49 -7.79 -6.63
N THR A 114 19.91 -7.05 -5.70
CA THR A 114 20.71 -6.34 -4.71
C THR A 114 20.57 -6.98 -3.34
N VAL A 115 21.56 -6.79 -2.48
CA VAL A 115 21.52 -7.32 -1.14
C VAL A 115 20.34 -6.70 -0.37
N PHE A 116 20.00 -5.47 -0.72
CA PHE A 116 18.87 -4.80 -0.06
C PHE A 116 17.54 -5.46 -0.36
N TYR A 117 17.27 -5.66 -1.63
CA TYR A 117 16.01 -6.28 -2.05
C TYR A 117 15.88 -7.67 -1.46
N ARG A 118 16.96 -8.44 -1.53
CA ARG A 118 16.91 -9.82 -1.08
C ARG A 118 16.73 -9.89 0.43
N ALA A 119 17.30 -8.93 1.15
CA ALA A 119 17.08 -8.86 2.60
C ALA A 119 15.62 -8.57 2.95
N ALA A 120 14.96 -7.73 2.15
CA ALA A 120 13.55 -7.45 2.37
C ALA A 120 12.72 -8.71 2.14
N VAL A 121 13.05 -9.45 1.07
CA VAL A 121 12.30 -10.68 0.78
C VAL A 121 12.40 -11.66 1.94
N ARG A 122 13.61 -11.82 2.45
CA ARG A 122 13.85 -12.74 3.56
C ARG A 122 13.16 -12.29 4.84
N LEU A 123 13.20 -10.99 5.11
CA LEU A 123 12.51 -10.43 6.28
C LEU A 123 10.99 -10.63 6.15
N ARG A 124 10.45 -10.42 4.96
CA ARG A 124 9.04 -10.63 4.68
CA ARG A 124 9.03 -10.62 4.74
C ARG A 124 8.63 -12.08 4.93
N ASP A 125 9.39 -13.00 4.35
CA ASP A 125 9.06 -14.42 4.48
C ASP A 125 9.15 -14.91 5.93
N GLN A 126 10.22 -14.53 6.62
CA GLN A 126 10.39 -14.96 8.00
C GLN A 126 9.47 -14.23 8.97
N GLY A 127 9.14 -12.98 8.65
CA GLY A 127 8.26 -12.20 9.50
C GLY A 127 6.82 -12.70 9.44
N GLY A 128 6.47 -13.32 8.33
CA GLY A 128 5.10 -13.78 8.12
C GLY A 128 4.68 -14.81 9.15
N VAL A 129 5.64 -15.62 9.60
CA VAL A 129 5.40 -16.64 10.61
C VAL A 129 5.03 -15.98 11.92
N VAL A 130 5.78 -14.94 12.29
CA VAL A 130 5.57 -14.24 13.54
C VAL A 130 4.23 -13.50 13.55
N LEU A 131 3.94 -12.83 12.44
CA LEU A 131 2.69 -12.07 12.32
C LEU A 131 1.47 -12.99 12.26
N ARG A 132 1.66 -14.20 11.77
CA ARG A 132 0.56 -15.15 11.67
C ARG A 132 0.08 -15.56 13.06
N GLN A 133 1.01 -15.80 13.98
CA GLN A 133 0.63 -16.22 15.32
C GLN A 133 0.20 -15.01 16.16
N ALA A 134 0.84 -13.86 15.93
CA ALA A 134 0.45 -12.64 16.62
C ALA A 134 -1.02 -12.31 16.38
N ARG A 135 -1.46 -12.49 15.14
CA ARG A 135 -2.86 -12.25 14.79
C ARG A 135 -3.76 -13.16 15.62
N ARG A 136 -3.37 -14.42 15.78
CA ARG A 136 -4.16 -15.35 16.57
C ARG A 136 -4.17 -14.95 18.05
N GLU A 137 -3.05 -14.43 18.56
CA GLU A 137 -2.94 -14.07 19.96
C GLU A 137 -3.76 -12.83 20.31
N VAL A 138 -3.74 -11.86 19.41
CA VAL A 138 -4.49 -10.63 19.59
C VAL A 138 -5.99 -10.93 19.57
N ASP A 139 -6.38 -11.82 18.65
CA ASP A 139 -7.76 -12.29 18.54
C ASP A 139 -8.18 -13.12 19.76
N SER A 140 -7.30 -14.02 20.18
CA SER A 140 -7.58 -14.90 21.30
C SER A 140 -7.72 -14.12 22.61
N ILE A 141 -6.66 -13.40 22.98
CA ILE A 141 -6.68 -12.63 24.22
C ILE A 141 -7.63 -11.43 24.13
N GLY A 142 -8.01 -11.06 22.91
CA GLY A 142 -8.91 -9.95 22.69
C GLY A 142 -8.31 -8.61 23.07
N LEU A 143 -7.38 -8.12 22.26
CA LEU A 143 -6.63 -6.91 22.61
C LEU A 143 -7.02 -5.68 21.80
N GLU A 144 -7.99 -5.82 20.90
CA GLU A 144 -8.41 -4.69 20.07
C GLU A 144 -9.92 -4.66 19.88
N SER B 22 -38.89 2.97 -2.56
CA SER B 22 -38.68 3.95 -1.50
C SER B 22 -37.68 5.03 -1.92
N MET B 23 -37.71 6.15 -1.21
CA MET B 23 -36.79 7.25 -1.47
C MET B 23 -35.36 6.87 -1.06
N GLU B 24 -35.24 5.94 -0.12
CA GLU B 24 -33.94 5.41 0.27
C GLU B 24 -33.29 4.65 -0.89
N GLN B 25 -34.11 3.89 -1.63
CA GLN B 25 -33.62 3.17 -2.80
C GLN B 25 -33.23 4.13 -3.93
N VAL B 26 -34.06 5.14 -4.14
CA VAL B 26 -33.77 6.17 -5.12
C VAL B 26 -32.43 6.84 -4.83
N ALA B 27 -32.20 7.20 -3.57
CA ALA B 27 -30.95 7.87 -3.22
C ALA B 27 -29.76 6.94 -3.43
N MET B 28 -29.92 5.67 -3.08
CA MET B 28 -28.83 4.73 -3.26
C MET B 28 -28.48 4.55 -4.74
N GLU B 29 -29.49 4.45 -5.59
CA GLU B 29 -29.24 4.28 -7.02
C GLU B 29 -28.59 5.56 -7.57
N LEU B 30 -29.00 6.72 -7.07
CA LEU B 30 -28.36 7.95 -7.52
C LEU B 30 -26.89 8.01 -7.12
N ARG B 31 -26.57 7.57 -5.90
CA ARG B 31 -25.17 7.61 -5.45
C ARG B 31 -24.34 6.61 -6.24
N LEU B 32 -24.94 5.49 -6.59
CA LEU B 32 -24.27 4.47 -7.41
C LEU B 32 -23.94 5.01 -8.79
N THR B 33 -24.89 5.71 -9.41
CA THR B 33 -24.64 6.16 -10.78
C THR B 33 -23.66 7.34 -10.81
N GLU B 34 -23.71 8.21 -9.81
CA GLU B 34 -22.80 9.34 -9.74
C GLU B 34 -21.37 8.90 -9.42
N LEU B 35 -21.24 7.89 -8.58
CA LEU B 35 -19.92 7.32 -8.30
C LEU B 35 -19.32 6.76 -9.58
N THR B 36 -20.13 6.01 -10.32
CA THR B 36 -19.67 5.43 -11.58
C THR B 36 -19.25 6.52 -12.58
N ARG B 37 -20.04 7.58 -12.70
CA ARG B 37 -19.71 8.70 -13.58
CA ARG B 37 -19.70 8.68 -13.59
C ARG B 37 -18.37 9.29 -13.20
N LEU B 38 -18.18 9.50 -11.91
CA LEU B 38 -16.92 10.06 -11.40
C LEU B 38 -15.73 9.14 -11.69
N LEU B 39 -15.86 7.86 -11.38
CA LEU B 39 -14.74 6.93 -11.58
C LEU B 39 -14.40 6.78 -13.06
N ARG B 40 -15.42 6.84 -13.91
CA ARG B 40 -15.18 6.75 -15.34
C ARG B 40 -14.36 7.95 -15.82
N SER B 41 -14.70 9.14 -15.32
CA SER B 41 -13.93 10.34 -15.68
C SER B 41 -12.50 10.25 -15.15
N VAL B 42 -12.35 9.77 -13.91
CA VAL B 42 -11.03 9.59 -13.32
C VAL B 42 -10.19 8.62 -14.14
N LEU B 43 -10.75 7.45 -14.43
CA LEU B 43 -10.02 6.47 -15.23
C LEU B 43 -9.62 7.03 -16.61
N ASP B 44 -10.52 7.78 -17.24
N ASP B 44 -10.52 7.78 -17.23
CA ASP B 44 -10.20 8.38 -18.54
CA ASP B 44 -10.24 8.43 -18.51
C ASP B 44 -9.05 9.38 -18.39
C ASP B 44 -9.04 9.34 -18.36
N GLN B 45 -9.06 10.17 -17.31
CA GLN B 45 -7.99 11.14 -17.06
C GLN B 45 -6.65 10.44 -16.84
N LEU B 46 -6.69 9.30 -16.15
CA LEU B 46 -5.47 8.56 -15.88
C LEU B 46 -4.91 7.96 -17.17
N GLN B 47 -5.75 7.29 -17.96
CA GLN B 47 -5.26 6.67 -19.20
C GLN B 47 -4.78 7.68 -20.23
N ASP B 48 -5.40 8.87 -20.26
CA ASP B 48 -4.98 9.91 -21.19
CA ASP B 48 -4.99 9.94 -21.16
C ASP B 48 -3.54 10.34 -20.93
N LYS B 49 -3.04 10.07 -19.72
CA LYS B 49 -1.67 10.42 -19.38
C LYS B 49 -0.67 9.32 -19.76
N ASP B 50 -1.18 8.24 -20.35
CA ASP B 50 -0.36 7.08 -20.76
C ASP B 50 -0.53 6.79 -22.24
N PRO B 51 -0.14 7.73 -23.11
CA PRO B 51 -0.32 7.53 -24.55
C PRO B 51 0.52 6.39 -25.12
N ALA B 52 1.57 5.99 -24.41
CA ALA B 52 2.39 4.85 -24.85
C ALA B 52 1.71 3.54 -24.53
N ARG B 53 0.59 3.60 -23.81
CA ARG B 53 -0.21 2.43 -23.46
CA ARG B 53 -0.21 2.42 -23.47
C ARG B 53 0.59 1.41 -22.66
N ILE B 54 1.56 1.89 -21.90
CA ILE B 54 2.37 1.02 -21.03
C ILE B 54 1.54 0.28 -19.99
N PHE B 55 0.52 0.96 -19.44
CA PHE B 55 -0.30 0.39 -18.37
C PHE B 55 -1.70 0.04 -18.86
N ALA B 56 -1.88 -0.01 -20.18
CA ALA B 56 -3.23 -0.17 -20.73
C ALA B 56 -3.79 -1.60 -20.62
N GLN B 57 -2.90 -2.59 -20.61
CA GLN B 57 -3.25 -4.00 -20.72
C GLN B 57 -2.39 -4.81 -19.77
N PRO B 58 -2.85 -6.02 -19.38
CA PRO B 58 -2.00 -6.87 -18.55
C PRO B 58 -0.63 -7.08 -19.17
N VAL B 59 0.40 -7.09 -18.33
CA VAL B 59 1.74 -7.44 -18.77
C VAL B 59 1.73 -8.85 -19.33
N SER B 60 2.25 -9.03 -20.54
CA SER B 60 2.25 -10.32 -21.22
C SER B 60 3.24 -11.33 -20.64
N LEU B 61 2.74 -12.50 -20.26
CA LEU B 61 3.62 -13.56 -19.77
C LEU B 61 4.49 -14.12 -20.89
N LYS B 62 4.00 -14.00 -22.12
CA LYS B 62 4.78 -14.43 -23.28
C LYS B 62 6.00 -13.54 -23.43
N GLU B 63 5.80 -12.23 -23.27
CA GLU B 63 6.89 -11.27 -23.37
C GLU B 63 7.73 -11.21 -22.09
N VAL B 64 7.10 -11.40 -20.93
CA VAL B 64 7.79 -11.34 -19.65
C VAL B 64 7.54 -12.61 -18.83
N PRO B 65 8.26 -13.70 -19.17
CA PRO B 65 8.03 -15.02 -18.60
C PRO B 65 8.13 -15.07 -17.08
N ASP B 66 8.97 -14.22 -16.47
CA ASP B 66 9.15 -14.31 -15.03
C ASP B 66 8.26 -13.33 -14.25
N TYR B 67 7.33 -12.66 -14.92
CA TYR B 67 6.56 -11.61 -14.25
C TYR B 67 5.86 -12.08 -12.98
N LEU B 68 5.19 -13.22 -13.06
CA LEU B 68 4.41 -13.73 -11.94
C LEU B 68 5.26 -14.39 -10.84
N ASP B 69 6.54 -14.60 -11.11
CA ASP B 69 7.48 -14.98 -10.06
C ASP B 69 7.57 -13.90 -9.00
N HIS B 70 7.39 -12.65 -9.42
CA HIS B 70 7.66 -11.51 -8.53
C HIS B 70 6.42 -10.70 -8.22
N ILE B 71 5.47 -10.68 -9.14
CA ILE B 71 4.26 -9.89 -8.95
C ILE B 71 3.06 -10.76 -8.66
N LYS B 72 2.50 -10.61 -7.47
CA LYS B 72 1.44 -11.52 -7.04
C LYS B 72 0.03 -11.09 -7.45
N HIS B 73 -0.19 -9.80 -7.61
CA HIS B 73 -1.48 -9.28 -8.03
C HIS B 73 -1.36 -8.27 -9.17
N PRO B 74 -1.30 -8.77 -10.42
CA PRO B 74 -1.16 -7.91 -11.61
C PRO B 74 -2.37 -7.00 -11.76
N MET B 75 -2.16 -5.82 -12.34
CA MET B 75 -3.26 -4.89 -12.58
C MET B 75 -2.89 -3.99 -13.75
N ASP B 76 -3.93 -3.46 -14.41
CA ASP B 76 -3.77 -2.63 -15.61
C ASP B 76 -5.07 -1.87 -15.82
N PHE B 77 -5.06 -0.90 -16.73
CA PHE B 77 -6.23 -0.03 -16.90
C PHE B 77 -7.44 -0.76 -17.51
N ALA B 78 -7.18 -1.73 -18.39
CA ALA B 78 -8.27 -2.48 -19.01
C ALA B 78 -9.01 -3.29 -17.96
N THR B 79 -8.25 -3.89 -17.06
CA THR B 79 -8.84 -4.70 -16.00
C THR B 79 -9.62 -3.80 -15.04
N MET B 80 -9.10 -2.58 -14.81
CA MET B 80 -9.86 -1.62 -13.99
C MET B 80 -11.16 -1.19 -14.67
N ARG B 81 -11.11 -0.95 -15.97
CA ARG B 81 -12.30 -0.51 -16.67
C ARG B 81 -13.39 -1.59 -16.64
N LYS B 82 -12.96 -2.84 -16.77
CA LYS B 82 -13.86 -3.98 -16.71
C LYS B 82 -14.58 -4.03 -15.36
N ARG B 83 -13.81 -3.89 -14.28
CA ARG B 83 -14.38 -3.89 -12.93
C ARG B 83 -15.34 -2.71 -12.73
N LEU B 84 -14.92 -1.54 -13.18
CA LEU B 84 -15.76 -0.33 -13.08
C LEU B 84 -17.11 -0.50 -13.77
N GLU B 85 -17.09 -0.96 -15.02
CA GLU B 85 -18.32 -1.02 -15.80
C GLU B 85 -19.22 -2.16 -15.35
N ALA B 86 -18.65 -3.08 -14.60
CA ALA B 86 -19.41 -4.21 -14.04
C ALA B 86 -19.94 -3.90 -12.64
N GLN B 87 -19.84 -2.64 -12.22
CA GLN B 87 -20.30 -2.21 -10.91
C GLN B 87 -19.48 -2.84 -9.79
N GLY B 88 -18.20 -3.10 -10.05
CA GLY B 88 -17.32 -3.77 -9.11
C GLY B 88 -16.57 -2.89 -8.11
N TYR B 89 -16.69 -1.57 -8.22
CA TYR B 89 -16.09 -0.67 -7.24
C TYR B 89 -17.17 -0.10 -6.32
N LYS B 90 -17.08 -0.41 -5.03
CA LYS B 90 -18.08 0.07 -4.06
C LYS B 90 -17.84 1.52 -3.70
N ASN B 91 -16.60 1.98 -3.82
CA ASN B 91 -16.22 3.31 -3.39
C ASN B 91 -14.91 3.73 -4.03
N LEU B 92 -14.51 4.98 -3.80
CA LEU B 92 -13.30 5.52 -4.43
C LEU B 92 -12.06 4.79 -3.93
N HIS B 93 -12.05 4.43 -2.66
CA HIS B 93 -10.89 3.77 -2.09
C HIS B 93 -10.56 2.47 -2.82
N GLU B 94 -11.57 1.66 -3.13
CA GLU B 94 -11.32 0.41 -3.85
C GLU B 94 -10.68 0.67 -5.23
N PHE B 95 -11.08 1.75 -5.88
CA PHE B 95 -10.52 2.18 -7.16
C PHE B 95 -9.05 2.59 -6.96
N GLU B 96 -8.80 3.42 -5.94
CA GLU B 96 -7.45 3.87 -5.60
CA GLU B 96 -7.46 3.88 -5.61
C GLU B 96 -6.51 2.71 -5.37
N GLU B 97 -6.99 1.69 -4.66
CA GLU B 97 -6.16 0.52 -4.39
C GLU B 97 -5.73 -0.20 -5.68
N ASP B 98 -6.61 -0.28 -6.68
CA ASP B 98 -6.22 -0.90 -7.95
C ASP B 98 -5.20 -0.02 -8.68
N PHE B 99 -5.40 1.30 -8.65
CA PHE B 99 -4.43 2.19 -9.27
C PHE B 99 -3.07 2.03 -8.63
N ASP B 100 -3.04 2.00 -7.31
CA ASP B 100 -1.79 1.80 -6.57
C ASP B 100 -1.10 0.50 -6.95
N LEU B 101 -1.88 -0.55 -7.21
CA LEU B 101 -1.31 -1.83 -7.65
C LEU B 101 -0.54 -1.66 -8.95
N ILE B 102 -1.15 -0.96 -9.91
CA ILE B 102 -0.47 -0.71 -11.18
C ILE B 102 0.89 -0.06 -10.94
N ILE B 103 0.90 1.00 -10.14
CA ILE B 103 2.11 1.77 -9.87
C ILE B 103 3.12 0.93 -9.09
N ASP B 104 2.66 0.29 -8.02
CA ASP B 104 3.56 -0.44 -7.13
C ASP B 104 4.16 -1.65 -7.82
N ASN B 105 3.36 -2.35 -8.63
CA ASN B 105 3.88 -3.50 -9.35
C ASN B 105 5.01 -3.09 -10.28
N CYS B 106 4.82 -1.96 -10.93
CA CYS B 106 5.81 -1.47 -11.86
C CYS B 106 7.10 -1.02 -11.16
N MET B 107 6.96 -0.35 -10.02
CA MET B 107 8.14 0.09 -9.28
C MET B 107 8.86 -1.07 -8.62
N LYS B 108 8.14 -2.13 -8.31
CA LYS B 108 8.74 -3.32 -7.73
CA LYS B 108 8.75 -3.32 -7.74
C LYS B 108 9.48 -4.16 -8.78
N TYR B 109 8.83 -4.37 -9.93
CA TYR B 109 9.41 -5.22 -10.96
C TYR B 109 10.63 -4.60 -11.63
N ASN B 110 10.56 -3.31 -11.94
CA ASN B 110 11.60 -2.64 -12.71
C ASN B 110 12.64 -1.89 -11.87
N ALA B 111 13.89 -1.86 -12.34
CA ALA B 111 14.92 -1.07 -11.68
C ALA B 111 14.62 0.42 -11.82
N ARG B 112 15.08 1.24 -10.87
CA ARG B 112 14.61 2.62 -10.87
C ARG B 112 15.17 3.42 -12.03
N ASP B 113 16.34 3.02 -12.52
CA ASP B 113 16.95 3.71 -13.64
C ASP B 113 16.49 3.05 -14.95
N THR B 114 15.16 2.99 -15.14
CA THR B 114 14.54 2.45 -16.35
C THR B 114 13.38 3.33 -16.81
N VAL B 115 13.03 3.22 -18.09
CA VAL B 115 11.97 4.06 -18.66
C VAL B 115 10.60 3.70 -18.07
N PHE B 116 10.34 2.42 -17.87
CA PHE B 116 9.03 2.05 -17.34
C PHE B 116 8.88 2.43 -15.85
N TYR B 117 9.95 2.32 -15.08
CA TYR B 117 9.89 2.75 -13.66
C TYR B 117 9.64 4.24 -13.60
N ARG B 118 10.35 5.00 -14.42
CA ARG B 118 10.12 6.43 -14.42
C ARG B 118 8.70 6.78 -14.90
N ALA B 119 8.15 5.99 -15.81
CA ALA B 119 6.76 6.21 -16.24
C ALA B 119 5.80 6.00 -15.08
N ALA B 120 6.08 5.01 -14.23
CA ALA B 120 5.20 4.74 -13.08
C ALA B 120 5.25 5.87 -12.07
N VAL B 121 6.44 6.39 -11.83
CA VAL B 121 6.61 7.53 -10.93
C VAL B 121 5.92 8.78 -11.49
N ARG B 122 6.02 8.99 -12.79
CA ARG B 122 5.30 10.07 -13.44
C ARG B 122 3.77 9.93 -13.26
N LEU B 123 3.25 8.76 -13.57
CA LEU B 123 1.81 8.52 -13.48
C LEU B 123 1.35 8.55 -12.01
N ARG B 124 2.20 8.12 -11.09
CA ARG B 124 1.85 8.21 -9.67
C ARG B 124 1.65 9.66 -9.22
N ASP B 125 2.56 10.56 -9.62
CA ASP B 125 2.45 12.00 -9.30
C ASP B 125 1.18 12.59 -9.88
N GLN B 126 0.97 12.35 -11.16
CA GLN B 126 -0.16 12.93 -11.84
C GLN B 126 -1.45 12.33 -11.31
N GLY B 127 -1.44 11.01 -11.11
CA GLY B 127 -2.61 10.32 -10.58
C GLY B 127 -2.99 10.72 -9.17
N GLY B 128 -2.00 10.99 -8.33
CA GLY B 128 -2.28 11.43 -6.97
C GLY B 128 -3.10 12.69 -6.94
N VAL B 129 -2.78 13.63 -7.82
CA VAL B 129 -3.53 14.88 -7.91
C VAL B 129 -4.94 14.62 -8.40
N VAL B 130 -5.07 13.79 -9.43
CA VAL B 130 -6.40 13.46 -9.95
C VAL B 130 -7.26 12.81 -8.86
N LEU B 131 -6.65 11.89 -8.10
CA LEU B 131 -7.40 11.16 -7.08
C LEU B 131 -7.74 12.02 -5.86
N ARG B 132 -6.85 12.96 -5.50
CA ARG B 132 -7.20 13.88 -4.42
C ARG B 132 -8.38 14.77 -4.82
N GLN B 133 -8.43 15.16 -6.08
CA GLN B 133 -9.54 15.95 -6.59
C GLN B 133 -10.81 15.10 -6.62
N ALA B 134 -10.66 13.83 -6.95
CA ALA B 134 -11.80 12.92 -6.94
C ALA B 134 -12.38 12.82 -5.53
N ARG B 135 -11.51 12.81 -4.53
CA ARG B 135 -11.94 12.73 -3.13
C ARG B 135 -12.76 13.97 -2.73
N ARG B 136 -12.31 15.14 -3.19
CA ARG B 136 -13.06 16.38 -2.98
C ARG B 136 -14.45 16.25 -3.61
N GLU B 137 -14.50 15.66 -4.80
CA GLU B 137 -15.78 15.49 -5.48
C GLU B 137 -16.69 14.50 -4.77
N VAL B 138 -16.11 13.43 -4.23
CA VAL B 138 -16.87 12.46 -3.44
C VAL B 138 -17.56 13.19 -2.28
N ASP B 139 -16.82 14.05 -1.59
CA ASP B 139 -17.38 14.80 -0.48
C ASP B 139 -18.41 15.84 -0.91
N SER B 140 -18.13 16.55 -1.99
CA SER B 140 -19.04 17.57 -2.50
C SER B 140 -20.35 16.96 -2.98
N ILE B 141 -20.26 15.84 -3.68
CA ILE B 141 -21.44 15.17 -4.24
C ILE B 141 -22.24 14.41 -3.15
N GLY B 142 -21.53 13.99 -2.10
CA GLY B 142 -22.14 13.23 -1.01
C GLY B 142 -22.22 11.72 -1.27
N LEU B 143 -21.15 11.16 -1.83
CA LEU B 143 -21.18 9.78 -2.29
C LEU B 143 -20.96 8.75 -1.18
N GLU B 144 -20.38 9.18 -0.06
CA GLU B 144 -20.17 8.26 1.06
C GLU B 144 -20.96 8.63 2.31
#